data_4AL6
#
_entry.id   4AL6
#
_cell.length_a   62.390
_cell.length_b   46.880
_cell.length_c   87.390
_cell.angle_alpha   90.00
_cell.angle_beta   107.24
_cell.angle_gamma   90.00
#
_symmetry.space_group_name_H-M   'C 1 2 1'
#
loop_
_entity.id
_entity.type
_entity.pdbx_description
1 polymer 'CSY4 ENDORIBONUCLEASE'
2 polymer "CRRNA, 5'-R(CP*UP*GP*CP*CP*GP*UP*AP*UP*AP*GP*GP* CP*AP*GP*C)-3'"
3 water water
#
loop_
_entity_poly.entity_id
_entity_poly.type
_entity_poly.pdbx_seq_one_letter_code
_entity_poly.pdbx_strand_id
1 'polypeptide(L)'
;GSFTMDHYLDIRLRPDPEFPPAQLMSVLFGKLHQALVAQGGDRIGVSFPDLDESRSRLGERLRIHASADDLRALLARPWL
EGLRDHLQFGEPAVVPHPTPYRQVSRVQAKSNPERLRRRLMRRHDLSEEEARKRIPDTVARALDLPFVTLRAQSTGQHFR
LFIRHGPLQVTAEEGGFTCYGLSKGGFVPWF
;
A
2 'polyribonucleotide' CUGCCGUAUAGGCAGC B
#
loop_
_chem_comp.id
_chem_comp.type
_chem_comp.name
_chem_comp.formula
A RNA linking ADENOSINE-5'-MONOPHOSPHATE 'C10 H14 N5 O7 P'
C RNA linking CYTIDINE-5'-MONOPHOSPHATE 'C9 H14 N3 O8 P'
G RNA linking GUANOSINE-5'-MONOPHOSPHATE 'C10 H14 N5 O8 P'
U RNA linking URIDINE-5'-MONOPHOSPHATE 'C9 H13 N2 O9 P'
#
# COMPACT_ATOMS: atom_id res chain seq x y z
N PHE A 3 -2.10 -14.89 -11.88
CA PHE A 3 -1.09 -13.78 -11.91
C PHE A 3 0.19 -14.22 -11.19
N THR A 4 1.27 -13.47 -11.39
CA THR A 4 2.49 -13.71 -10.62
C THR A 4 2.32 -13.17 -9.19
N MET A 5 1.34 -12.28 -8.99
CA MET A 5 1.08 -11.66 -7.69
C MET A 5 -0.21 -12.14 -7.08
N ASP A 6 -0.26 -13.40 -6.69
CA ASP A 6 -1.50 -13.98 -6.16
C ASP A 6 -1.47 -13.98 -4.63
N HIS A 7 -0.44 -13.40 -4.04
CA HIS A 7 -0.45 -13.30 -2.58
C HIS A 7 -0.63 -11.86 -2.05
N TYR A 8 -1.10 -11.82 -0.81
CA TYR A 8 -1.23 -10.56 -0.13
C TYR A 8 -1.24 -10.77 1.37
N LEU A 9 -1.17 -9.65 2.05
CA LEU A 9 -1.23 -9.60 3.48
C LEU A 9 -2.00 -8.33 3.83
N ASP A 10 -2.96 -8.42 4.73
CA ASP A 10 -3.60 -7.22 5.23
C ASP A 10 -3.03 -6.72 6.56
N ILE A 11 -2.57 -5.48 6.59
CA ILE A 11 -2.14 -4.83 7.82
C ILE A 11 -3.25 -3.87 8.24
N ARG A 12 -3.90 -4.16 9.37
CA ARG A 12 -4.94 -3.30 9.98
C ARG A 12 -4.31 -2.31 10.98
N LEU A 13 -4.67 -1.03 10.90
CA LEU A 13 -4.33 -0.07 11.96
C LEU A 13 -5.16 -0.35 13.17
N ARG A 14 -4.48 -0.50 14.30
CA ARG A 14 -5.15 -0.52 15.58
C ARG A 14 -5.53 0.92 15.87
N PRO A 15 -6.75 1.14 16.40
CA PRO A 15 -7.16 2.49 16.88
C PRO A 15 -6.30 3.00 18.02
N ASP A 16 -5.94 4.26 17.95
CA ASP A 16 -5.16 4.94 18.97
C ASP A 16 -5.79 6.29 19.25
N PRO A 17 -6.19 6.53 20.50
CA PRO A 17 -6.70 7.87 20.88
C PRO A 17 -5.78 9.09 20.51
N GLU A 18 -4.46 8.91 20.55
CA GLU A 18 -3.53 10.01 20.28
C GLU A 18 -3.21 10.26 18.81
N PHE A 19 -3.65 9.38 17.90
CA PHE A 19 -3.22 9.49 16.50
C PHE A 19 -4.34 9.12 15.52
N PRO A 20 -4.83 10.09 14.75
CA PRO A 20 -5.85 9.72 13.74
C PRO A 20 -5.27 8.74 12.71
N PRO A 21 -6.05 7.74 12.29
CA PRO A 21 -5.63 6.72 11.32
C PRO A 21 -4.79 7.25 10.17
N ALA A 22 -5.18 8.41 9.61
CA ALA A 22 -4.46 8.95 8.47
C ALA A 22 -3.01 9.12 8.81
N GLN A 23 -2.71 9.36 10.10
CA GLN A 23 -1.33 9.59 10.50
C GLN A 23 -0.58 8.26 10.67
N LEU A 24 -1.25 7.27 11.25
CA LEU A 24 -0.62 5.97 11.34
C LEU A 24 -0.38 5.43 9.92
N MET A 25 -1.38 5.60 9.04
CA MET A 25 -1.25 5.11 7.71
C MET A 25 -0.06 5.78 7.05
N SER A 26 0.10 7.07 7.25
CA SER A 26 1.23 7.73 6.59
C SER A 26 2.54 7.12 7.07
N VAL A 27 2.59 6.79 8.35
CA VAL A 27 3.79 6.19 8.92
C VAL A 27 3.95 4.78 8.43
N LEU A 28 2.92 3.97 8.53
CA LEU A 28 2.95 2.63 7.93
C LEU A 28 3.53 2.60 6.53
N PHE A 29 2.95 3.47 5.69
CA PHE A 29 3.24 3.57 4.29
C PHE A 29 4.70 4.03 4.07
N GLY A 30 5.17 4.93 4.93
CA GLY A 30 6.57 5.33 4.86
C GLY A 30 7.55 4.19 5.12
N LYS A 31 7.24 3.32 6.09
CA LYS A 31 8.16 2.26 6.47
C LYS A 31 8.19 1.23 5.38
N LEU A 32 7.03 0.94 4.81
CA LEU A 32 6.96 0.04 3.66
C LEU A 32 7.82 0.57 2.54
N HIS A 33 7.76 1.88 2.36
CA HIS A 33 8.59 2.54 1.36
C HIS A 33 10.08 2.31 1.66
N GLN A 34 10.48 2.53 2.91
CA GLN A 34 11.88 2.24 3.30
C GLN A 34 12.23 0.78 2.94
N ALA A 35 11.35 -0.14 3.33
CA ALA A 35 11.49 -1.59 3.04
C ALA A 35 11.60 -1.96 1.56
N LEU A 36 10.83 -1.29 0.69
CA LEU A 36 10.86 -1.58 -0.74
C LEU A 36 12.14 -1.07 -1.37
N VAL A 37 12.52 0.16 -1.06
CA VAL A 37 13.81 0.68 -1.48
C VAL A 37 14.90 -0.33 -1.07
N ALA A 38 14.77 -0.92 0.13
CA ALA A 38 15.72 -1.92 0.58
C ALA A 38 15.62 -3.13 -0.32
N GLN A 39 14.48 -3.81 -0.30
CA GLN A 39 14.31 -5.01 -1.12
C GLN A 39 14.81 -4.82 -2.57
N GLY A 40 14.20 -3.89 -3.31
CA GLY A 40 14.72 -3.50 -4.61
C GLY A 40 13.90 -3.81 -5.86
N GLY A 41 12.94 -4.71 -5.78
CA GLY A 41 12.21 -5.10 -6.99
C GLY A 41 11.28 -4.01 -7.51
N ASP A 42 10.41 -4.41 -8.44
CA ASP A 42 9.26 -3.58 -8.80
C ASP A 42 8.00 -4.49 -8.81
N ARG A 43 8.05 -5.62 -8.10
CA ARG A 43 6.90 -6.51 -8.12
C ARG A 43 6.12 -6.62 -6.78
N ILE A 44 6.12 -5.55 -6.00
CA ILE A 44 5.25 -5.44 -4.83
C ILE A 44 4.29 -4.28 -4.91
N GLY A 45 3.00 -4.56 -4.87
CA GLY A 45 2.01 -3.51 -5.01
C GLY A 45 1.16 -3.34 -3.75
N VAL A 46 0.44 -2.20 -3.66
CA VAL A 46 -0.42 -1.95 -2.51
C VAL A 46 -1.81 -1.55 -2.90
N SER A 47 -2.74 -1.79 -2.00
CA SER A 47 -4.09 -1.30 -2.20
C SER A 47 -4.61 -0.99 -0.81
N PHE A 48 -5.63 -0.13 -0.77
CA PHE A 48 -6.23 0.31 0.47
C PHE A 48 -7.68 -0.08 0.41
N PRO A 49 -7.95 -1.31 0.83
CA PRO A 49 -9.24 -2.00 0.62
C PRO A 49 -10.40 -1.38 1.38
N ASP A 50 -10.14 -0.59 2.43
CA ASP A 50 -11.22 0.13 3.13
C ASP A 50 -11.36 1.56 2.63
N LEU A 51 -10.64 1.85 1.53
CA LEU A 51 -10.87 3.08 0.75
C LEU A 51 -12.28 3.60 0.97
N ASP A 52 -12.37 4.88 1.29
CA ASP A 52 -13.62 5.64 1.25
C ASP A 52 -13.42 6.81 0.28
N GLU A 53 -13.83 6.63 -0.97
CA GLU A 53 -13.71 7.67 -2.03
C GLU A 53 -14.52 8.93 -1.71
N SER A 54 -15.77 8.72 -1.30
CA SER A 54 -16.70 9.78 -0.95
C SER A 54 -16.10 10.74 0.08
N ARG A 55 -15.36 10.18 1.05
CA ARG A 55 -14.80 10.95 2.15
C ARG A 55 -13.29 11.05 1.99
N SER A 56 -12.81 10.76 0.78
CA SER A 56 -11.40 10.88 0.44
C SER A 56 -10.45 10.41 1.56
N ARG A 57 -10.77 9.24 2.15
CA ARG A 57 -9.92 8.58 3.16
C ARG A 57 -9.38 7.27 2.58
N LEU A 58 -8.13 6.95 2.89
CA LEU A 58 -7.55 5.66 2.54
C LEU A 58 -8.06 4.49 3.38
N GLY A 59 -8.46 4.75 4.64
CA GLY A 59 -9.18 3.74 5.43
C GLY A 59 -8.24 3.02 6.40
N GLU A 60 -8.72 2.03 7.14
CA GLU A 60 -7.91 1.44 8.24
C GLU A 60 -6.98 0.32 7.79
N ARG A 61 -7.05 -0.08 6.51
CA ARG A 61 -6.26 -1.21 6.02
C ARG A 61 -5.28 -0.92 4.91
N LEU A 62 -4.05 -1.44 5.05
CA LEU A 62 -3.09 -1.51 3.92
C LEU A 62 -2.89 -2.94 3.49
N ARG A 63 -3.16 -3.22 2.21
CA ARG A 63 -2.95 -4.55 1.63
C ARG A 63 -1.70 -4.51 0.78
N ILE A 64 -0.86 -5.51 0.99
CA ILE A 64 0.36 -5.64 0.25
C ILE A 64 0.23 -6.85 -0.64
N HIS A 65 0.62 -6.68 -1.92
CA HIS A 65 0.43 -7.72 -2.93
C HIS A 65 1.74 -8.20 -3.45
N ALA A 66 1.89 -9.51 -3.62
CA ALA A 66 3.14 -10.01 -4.13
C ALA A 66 2.98 -11.43 -4.46
N SER A 67 4.02 -12.01 -5.08
CA SER A 67 4.16 -13.46 -5.22
C SER A 67 4.36 -13.98 -3.83
N ALA A 68 4.15 -15.28 -3.60
CA ALA A 68 4.35 -15.84 -2.27
C ALA A 68 5.78 -15.57 -1.80
N ASP A 69 6.71 -15.56 -2.74
CA ASP A 69 8.16 -15.41 -2.48
C ASP A 69 8.64 -13.99 -2.14
N ASP A 70 8.17 -12.99 -2.89
CA ASP A 70 8.53 -11.59 -2.60
C ASP A 70 7.94 -11.20 -1.26
N LEU A 71 6.72 -11.70 -1.01
CA LEU A 71 6.04 -11.43 0.26
C LEU A 71 6.78 -12.06 1.45
N ARG A 72 7.19 -13.32 1.30
CA ARG A 72 8.08 -13.96 2.27
C ARG A 72 9.26 -13.04 2.59
N ALA A 73 10.01 -12.62 1.58
CA ALA A 73 11.21 -11.79 1.79
C ALA A 73 10.89 -10.53 2.53
N LEU A 74 9.99 -9.73 1.96
CA LEU A 74 9.56 -8.49 2.60
C LEU A 74 9.20 -8.67 4.07
N LEU A 75 8.44 -9.70 4.38
CA LEU A 75 7.98 -9.90 5.77
C LEU A 75 9.10 -10.42 6.70
N ALA A 76 10.14 -11.06 6.13
CA ALA A 76 11.29 -11.53 6.93
C ALA A 76 12.30 -10.41 7.25
N ARG A 77 11.79 -9.21 7.41
CA ARG A 77 12.64 -8.02 7.45
C ARG A 77 12.06 -7.07 8.49
N PRO A 78 12.94 -6.37 9.26
CA PRO A 78 12.56 -5.52 10.39
C PRO A 78 12.14 -4.11 9.95
N TRP A 79 11.10 -4.05 9.13
CA TRP A 79 10.63 -2.79 8.54
C TRP A 79 9.48 -2.21 9.36
N LEU A 80 8.81 -3.08 10.10
CA LEU A 80 7.81 -2.64 11.06
C LEU A 80 8.37 -2.58 12.51
N GLU A 81 9.70 -2.71 12.65
CA GLU A 81 10.34 -2.53 13.95
C GLU A 81 9.99 -1.12 14.45
N GLY A 82 9.23 -1.04 15.56
CA GLY A 82 8.88 0.23 16.18
C GLY A 82 7.41 0.57 15.99
N LEU A 83 6.79 -0.17 15.10
CA LEU A 83 5.44 0.08 14.65
C LEU A 83 4.52 -1.12 14.88
N ARG A 84 5.09 -2.32 14.96
CA ARG A 84 4.28 -3.51 15.18
C ARG A 84 3.17 -3.19 16.18
N ASP A 85 3.46 -2.37 17.18
CA ASP A 85 2.49 -2.25 18.28
C ASP A 85 1.15 -1.65 17.84
N HIS A 86 1.16 -0.93 16.71
CA HIS A 86 0.01 -0.21 16.22
C HIS A 86 -0.79 -0.92 15.09
N LEU A 87 -0.44 -2.20 14.85
CA LEU A 87 -0.92 -2.92 13.68
C LEU A 87 -1.51 -4.21 14.09
N GLN A 88 -2.54 -4.65 13.39
CA GLN A 88 -3.00 -6.02 13.49
C GLN A 88 -2.75 -6.72 12.14
N PHE A 89 -1.96 -7.80 12.12
CA PHE A 89 -1.64 -8.45 10.86
C PHE A 89 -2.44 -9.68 10.62
N GLY A 90 -2.93 -9.78 9.38
CA GLY A 90 -3.54 -11.01 8.91
C GLY A 90 -2.48 -12.07 8.66
N GLU A 91 -2.85 -13.06 7.87
CA GLU A 91 -1.92 -14.09 7.51
C GLU A 91 -1.60 -13.85 6.03
N PRO A 92 -0.34 -14.06 5.60
CA PRO A 92 -0.12 -14.03 4.13
C PRO A 92 -0.99 -15.10 3.48
N ALA A 93 -1.66 -14.75 2.39
CA ALA A 93 -2.65 -15.63 1.80
C ALA A 93 -2.74 -15.48 0.30
N VAL A 94 -3.31 -16.51 -0.28
CA VAL A 94 -3.56 -16.54 -1.68
C VAL A 94 -4.83 -15.77 -1.84
N VAL A 95 -4.87 -14.89 -2.82
CA VAL A 95 -6.02 -14.01 -2.96
C VAL A 95 -7.24 -14.81 -3.35
N PRO A 96 -8.44 -14.27 -3.05
CA PRO A 96 -9.61 -15.01 -3.62
C PRO A 96 -9.68 -14.77 -5.13
N HIS A 97 -10.57 -15.48 -5.83
CA HIS A 97 -10.69 -15.37 -7.27
C HIS A 97 -12.05 -15.83 -7.66
N PRO A 98 -12.66 -15.20 -8.69
CA PRO A 98 -12.08 -14.09 -9.47
C PRO A 98 -12.17 -12.78 -8.71
N THR A 99 -11.32 -11.83 -9.05
CA THR A 99 -11.51 -10.43 -8.65
C THR A 99 -11.38 -9.49 -9.86
N PRO A 100 -11.94 -8.28 -9.73
CA PRO A 100 -11.58 -7.29 -10.74
C PRO A 100 -10.20 -6.84 -10.38
N TYR A 101 -9.55 -6.07 -11.27
CA TYR A 101 -8.24 -5.50 -11.01
C TYR A 101 -8.30 -3.99 -11.23
N ARG A 102 -7.39 -3.23 -10.63
CA ARG A 102 -7.37 -1.79 -10.80
C ARG A 102 -5.94 -1.24 -10.59
N GLN A 103 -5.63 -0.06 -11.12
CA GLN A 103 -4.38 0.58 -10.76
C GLN A 103 -4.56 1.34 -9.51
N VAL A 104 -3.53 1.35 -8.69
CA VAL A 104 -3.47 2.27 -7.59
C VAL A 104 -2.23 3.07 -7.82
N SER A 105 -2.39 4.39 -7.99
CA SER A 105 -1.36 5.23 -8.57
C SER A 105 -1.17 6.49 -7.77
N ARG A 106 0.04 7.01 -7.78
CA ARG A 106 0.19 8.39 -7.35
C ARG A 106 -0.30 9.35 -8.44
N VAL A 107 -0.86 10.47 -7.98
CA VAL A 107 -1.42 11.52 -8.81
C VAL A 107 -0.90 12.81 -8.22
N GLN A 108 -0.14 13.60 -8.99
CA GLN A 108 0.46 14.86 -8.49
C GLN A 108 -0.31 16.12 -8.97
N ALA A 109 0.02 17.27 -8.36
CA ALA A 109 -0.42 18.59 -8.85
C ALA A 109 0.04 18.83 -10.29
N ALA A 142 -4.08 20.10 -3.14
CA ALA A 142 -5.43 20.47 -2.74
C ALA A 142 -6.49 19.66 -3.49
N LEU A 143 -6.23 18.37 -3.75
CA LEU A 143 -7.09 17.51 -4.59
C LEU A 143 -8.21 16.81 -3.82
N ASP A 144 -9.22 16.33 -4.55
CA ASP A 144 -10.20 15.42 -3.97
C ASP A 144 -9.64 14.04 -4.18
N LEU A 145 -8.63 13.72 -3.38
CA LEU A 145 -7.98 12.40 -3.36
C LEU A 145 -7.35 12.20 -2.01
N PRO A 146 -7.48 10.96 -1.49
CA PRO A 146 -6.80 10.56 -0.25
C PRO A 146 -5.31 10.72 -0.44
N PHE A 147 -4.59 10.97 0.64
CA PHE A 147 -3.18 11.14 0.52
C PHE A 147 -2.53 10.64 1.79
N VAL A 148 -1.22 10.38 1.73
CA VAL A 148 -0.43 10.17 2.93
C VAL A 148 0.56 11.30 3.06
N THR A 149 0.76 11.86 4.26
CA THR A 149 1.88 12.81 4.42
C THR A 149 3.17 12.03 4.70
N LEU A 150 4.21 12.36 3.97
CA LEU A 150 5.51 11.75 4.13
C LEU A 150 6.57 12.83 4.38
N ARG A 151 7.76 12.39 4.75
CA ARG A 151 8.88 13.28 4.93
C ARG A 151 9.94 12.76 4.00
N ALA A 152 10.38 13.58 3.06
CA ALA A 152 11.40 13.15 2.13
C ALA A 152 12.66 12.84 2.94
N GLN A 153 13.49 11.89 2.48
CA GLN A 153 14.67 11.51 3.26
C GLN A 153 15.69 12.64 3.33
N SER A 154 16.10 13.16 2.18
CA SER A 154 17.05 14.28 2.12
C SER A 154 16.50 15.50 2.87
N THR A 155 15.61 16.24 2.22
CA THR A 155 14.95 17.37 2.88
C THR A 155 14.24 16.88 4.15
N GLY A 156 14.06 17.75 5.14
CA GLY A 156 13.19 17.43 6.26
C GLY A 156 11.76 17.68 5.84
N GLN A 157 11.60 18.15 4.60
CA GLN A 157 10.32 18.65 4.09
C GLN A 157 9.23 17.56 4.08
N HIS A 158 8.08 17.88 4.67
CA HIS A 158 6.88 17.06 4.55
C HIS A 158 6.07 17.37 3.27
N PHE A 159 5.68 16.30 2.56
CA PHE A 159 4.88 16.44 1.36
C PHE A 159 3.67 15.48 1.35
N ARG A 160 2.78 15.66 0.38
CA ARG A 160 1.58 14.85 0.37
C ARG A 160 1.57 14.06 -0.90
N LEU A 161 1.53 12.75 -0.72
CA LEU A 161 1.50 11.82 -1.82
C LEU A 161 0.03 11.40 -1.99
N PHE A 162 -0.60 11.84 -3.06
CA PHE A 162 -2.03 11.61 -3.25
C PHE A 162 -2.14 10.35 -4.08
N ILE A 163 -3.22 9.60 -3.87
CA ILE A 163 -3.35 8.24 -4.33
C ILE A 163 -4.71 8.01 -4.94
N ARG A 164 -4.72 7.47 -6.16
CA ARG A 164 -5.97 7.17 -6.86
C ARG A 164 -6.12 5.67 -7.09
N HIS A 165 -7.30 5.14 -6.75
CA HIS A 165 -7.61 3.77 -7.13
C HIS A 165 -8.38 3.88 -8.45
N GLY A 166 -7.74 3.40 -9.52
CA GLY A 166 -8.36 3.45 -10.82
C GLY A 166 -9.56 2.57 -11.06
N PRO A 167 -10.20 2.77 -12.21
CA PRO A 167 -11.38 1.99 -12.64
C PRO A 167 -11.10 0.50 -12.61
N LEU A 168 -12.06 -0.26 -12.08
CA LEU A 168 -12.07 -1.73 -12.17
C LEU A 168 -12.06 -2.28 -13.61
N GLN A 169 -11.13 -3.19 -13.87
CA GLN A 169 -11.26 -4.04 -15.04
C GLN A 169 -11.08 -5.52 -14.71
N VAL A 170 -11.13 -6.34 -15.73
CA VAL A 170 -11.42 -7.75 -15.60
C VAL A 170 -10.17 -8.58 -15.51
N THR A 171 -9.13 -8.10 -16.20
CA THR A 171 -7.87 -8.81 -16.31
C THR A 171 -6.79 -7.79 -15.97
N ALA A 172 -5.57 -8.25 -15.84
CA ALA A 172 -4.47 -7.36 -15.49
C ALA A 172 -3.59 -7.16 -16.70
N GLU A 173 -3.23 -5.90 -17.00
CA GLU A 173 -2.20 -5.63 -18.00
C GLU A 173 -0.85 -5.89 -17.28
N GLU A 174 0.28 -5.73 -17.97
CA GLU A 174 1.51 -6.42 -17.56
C GLU A 174 2.61 -5.57 -16.92
N GLY A 175 2.29 -4.36 -16.49
CA GLY A 175 3.30 -3.49 -15.85
C GLY A 175 3.85 -3.94 -14.50
N GLY A 176 4.53 -3.00 -13.83
CA GLY A 176 5.10 -3.19 -12.50
C GLY A 176 4.78 -2.03 -11.53
N PHE A 177 5.58 -1.88 -10.47
CA PHE A 177 5.28 -0.97 -9.37
C PHE A 177 6.50 -0.22 -8.92
N THR A 178 6.26 0.89 -8.22
CA THR A 178 7.30 1.82 -7.82
C THR A 178 7.82 1.43 -6.45
N CYS A 179 8.79 2.18 -5.93
CA CYS A 179 9.36 1.87 -4.62
C CYS A 179 8.38 2.31 -3.52
N TYR A 180 7.23 2.83 -3.95
CA TYR A 180 6.09 3.11 -3.06
C TYR A 180 4.98 2.04 -3.11
N GLY A 181 5.21 0.98 -3.89
CA GLY A 181 4.21 -0.05 -4.08
C GLY A 181 3.10 0.45 -4.98
N LEU A 182 3.21 1.67 -5.49
CA LEU A 182 2.16 2.22 -6.35
C LEU A 182 2.47 1.93 -7.82
N SER A 183 1.45 1.97 -8.67
CA SER A 183 1.56 1.54 -10.06
C SER A 183 2.53 2.38 -10.92
N LYS A 184 3.41 1.70 -11.66
CA LYS A 184 4.06 2.29 -12.85
C LYS A 184 3.70 1.43 -14.05
N GLY A 185 2.41 1.05 -14.08
CA GLY A 185 1.87 0.15 -15.10
C GLY A 185 1.07 -1.00 -14.53
N GLY A 186 1.47 -1.52 -13.37
CA GLY A 186 0.87 -2.72 -12.78
C GLY A 186 -0.51 -2.60 -12.10
N PHE A 187 -1.21 -3.73 -12.05
CA PHE A 187 -2.58 -3.80 -11.54
C PHE A 187 -2.60 -4.68 -10.28
N VAL A 188 -3.55 -4.43 -9.36
CA VAL A 188 -3.65 -5.30 -8.20
C VAL A 188 -5.09 -5.80 -8.13
N PRO A 189 -5.29 -7.09 -7.75
CA PRO A 189 -6.63 -7.63 -7.55
C PRO A 189 -7.34 -6.77 -6.53
N TRP A 190 -8.59 -6.43 -6.74
CA TRP A 190 -9.27 -5.60 -5.82
C TRP A 190 -10.37 -6.44 -5.21
N PHE A 191 -10.41 -6.52 -3.90
CA PHE A 191 -11.45 -7.31 -3.29
C PHE A 191 -11.64 -6.84 -1.89
#